data_2AQ8
#
_entry.id   2AQ8
#
_cell.length_a   96.022
_cell.length_b   96.022
_cell.length_c   138.164
_cell.angle_alpha   90.00
_cell.angle_beta   90.00
_cell.angle_gamma   120.00
#
_symmetry.space_group_name_H-M   'P 62 2 2'
#
loop_
_entity.id
_entity.type
_entity.pdbx_description
1 polymer 'Enoyl-Acyl-carrier-protein reductase'
2 non-polymer '1,4-DIHYDRONICOTINAMIDE ADENINE DINUCLEOTIDE'
3 non-polymer LYSINE
4 water water
#
_entity_poly.entity_id   1
_entity_poly.type   'polypeptide(L)'
_entity_poly.pdbx_seq_one_letter_code
;MTGLLDGKRILVSGIITDSSIAFHIARVAQEQGAQLVLTGFDRLRLIQRITDRLPAKAPLLELDVQNEEHLASLAGRVTE
AIGAGNKLDGVVHSIGFMPQTGMGINPFFDAPYADVSKGIHISAYSYASMAKALLPIMNPGGSIVGMDFDPSRAMPAYNW
MTVAKSALESVNRFVAREAGKYGVRSNLVAAGPIRTLAMSAIVGGALGEEAGAQIQLLEEGWDQRAPIGWNMKDATPVAK
TVCALLSDWLPATTGDIIYADGGAHTQLL
;
_entity_poly.pdbx_strand_id   A
#
# COMPACT_ATOMS: atom_id res chain seq x y z
N GLY A 3 -18.22 -3.95 14.61
CA GLY A 3 -17.20 -3.98 13.52
C GLY A 3 -15.84 -3.43 14.00
N LEU A 4 -14.76 -3.98 13.44
CA LEU A 4 -13.39 -3.70 13.89
C LEU A 4 -13.05 -2.22 13.78
N LEU A 5 -13.60 -1.59 12.75
CA LEU A 5 -13.28 -0.20 12.42
C LEU A 5 -14.52 0.70 12.55
N ASP A 6 -15.40 0.29 13.43
CA ASP A 6 -16.69 0.97 13.56
C ASP A 6 -16.49 2.43 13.88
N GLY A 7 -17.03 3.29 13.04
CA GLY A 7 -17.00 4.73 13.28
C GLY A 7 -15.73 5.42 12.83
N LYS A 8 -14.74 4.62 12.41
CA LYS A 8 -13.49 5.19 12.00
C LYS A 8 -13.62 5.74 10.60
N ARG A 9 -13.00 6.87 10.36
CA ARG A 9 -12.94 7.46 9.04
C ARG A 9 -11.54 7.23 8.49
N ILE A 10 -11.49 6.64 7.30
CA ILE A 10 -10.22 6.13 6.77
C ILE A 10 -10.13 6.44 5.30
N LEU A 11 -9.02 7.05 4.92
CA LEU A 11 -8.66 7.33 3.56
C LEU A 11 -7.92 6.10 3.01
N VAL A 12 -8.38 5.61 1.87
CA VAL A 12 -7.73 4.49 1.20
C VAL A 12 -7.30 4.94 -0.19
N SER A 13 -5.98 5.01 -0.39
CA SER A 13 -5.37 5.25 -1.68
C SER A 13 -5.13 3.94 -2.41
N GLY A 14 -4.80 4.03 -3.70
CA GLY A 14 -4.25 2.90 -4.43
C GLY A 14 -5.21 1.91 -5.07
N ILE A 15 -6.53 2.19 -5.08
CA ILE A 15 -7.42 1.35 -5.89
C ILE A 15 -7.25 1.75 -7.34
N ILE A 16 -6.98 0.76 -8.18
CA ILE A 16 -7.00 0.99 -9.63
C ILE A 16 -7.84 -0.07 -10.31
N THR A 17 -7.83 -1.29 -9.80
CA THR A 17 -8.72 -2.30 -10.37
C THR A 17 -9.32 -3.01 -9.19
N ASP A 18 -10.24 -3.91 -9.48
CA ASP A 18 -10.88 -4.66 -8.44
C ASP A 18 -9.93 -5.73 -7.89
N SER A 19 -8.76 -5.91 -8.50
CA SER A 19 -7.74 -6.82 -7.92
C SER A 19 -6.61 -6.05 -7.19
N SER A 20 -6.68 -4.72 -7.17
CA SER A 20 -5.86 -3.90 -6.28
C SER A 20 -5.98 -4.39 -4.86
N ILE A 21 -4.83 -4.50 -4.19
CA ILE A 21 -4.84 -4.83 -2.78
C ILE A 21 -5.72 -3.80 -2.03
N ALA A 22 -5.64 -2.53 -2.42
CA ALA A 22 -6.42 -1.47 -1.78
C ALA A 22 -7.93 -1.64 -1.98
N PHE A 23 -8.33 -2.34 -3.03
CA PHE A 23 -9.76 -2.61 -3.22
C PHE A 23 -10.23 -3.48 -2.08
N HIS A 24 -9.43 -4.51 -1.78
CA HIS A 24 -9.76 -5.46 -0.73
C HIS A 24 -9.63 -4.83 0.65
N ILE A 25 -8.60 -4.00 0.83
CA ILE A 25 -8.50 -3.20 2.06
C ILE A 25 -9.78 -2.36 2.24
N ALA A 26 -10.18 -1.64 1.20
CA ALA A 26 -11.41 -0.82 1.27
C ALA A 26 -12.64 -1.67 1.56
N ARG A 27 -12.80 -2.78 0.83
CA ARG A 27 -13.91 -3.69 1.12
C ARG A 27 -13.95 -4.20 2.54
N VAL A 28 -12.83 -4.72 3.04
CA VAL A 28 -12.81 -5.23 4.41
C VAL A 28 -13.07 -4.13 5.42
N ALA A 29 -12.47 -2.96 5.20
CA ALA A 29 -12.64 -1.84 6.12
C ALA A 29 -14.15 -1.50 6.21
N GLN A 30 -14.80 -1.43 5.05
CA GLN A 30 -16.24 -1.16 5.00
C GLN A 30 -17.04 -2.24 5.68
N GLU A 31 -16.74 -3.51 5.41
CA GLU A 31 -17.37 -4.61 6.11
C GLU A 31 -17.21 -4.45 7.60
N GLN A 32 -16.12 -3.78 8.00
CA GLN A 32 -15.86 -3.58 9.42
C GLN A 32 -16.30 -2.23 9.99
N GLY A 33 -17.12 -1.48 9.26
CA GLY A 33 -17.76 -0.31 9.86
C GLY A 33 -17.09 1.01 9.57
N ALA A 34 -15.98 0.97 8.81
CA ALA A 34 -15.23 2.17 8.50
C ALA A 34 -15.95 2.97 7.45
N GLN A 35 -15.83 4.28 7.54
CA GLN A 35 -16.32 5.21 6.55
C GLN A 35 -15.13 5.64 5.73
N LEU A 36 -15.19 5.44 4.42
CA LEU A 36 -14.02 5.64 3.60
C LEU A 36 -14.08 6.88 2.77
N VAL A 37 -12.89 7.45 2.55
CA VAL A 37 -12.66 8.36 1.49
C VAL A 37 -11.61 7.63 0.66
N LEU A 38 -11.84 7.58 -0.64
CA LEU A 38 -10.90 6.95 -1.54
C LEU A 38 -10.09 8.00 -2.27
N THR A 39 -8.85 7.69 -2.57
CA THR A 39 -8.13 8.48 -3.52
C THR A 39 -7.68 7.61 -4.67
N GLY A 40 -7.60 8.25 -5.83
CA GLY A 40 -7.37 7.53 -7.04
C GLY A 40 -6.44 8.34 -7.90
N PHE A 41 -5.66 7.64 -8.70
CA PHE A 41 -4.68 8.28 -9.53
C PHE A 41 -5.11 8.15 -10.98
N ASP A 42 -5.24 9.32 -11.62
CA ASP A 42 -5.33 9.45 -13.07
C ASP A 42 -6.66 9.02 -13.71
N ARG A 43 -7.02 7.75 -13.54
CA ARG A 43 -8.20 7.20 -14.19
C ARG A 43 -9.38 7.20 -13.26
N LEU A 44 -9.87 8.39 -12.93
CA LEU A 44 -10.86 8.50 -11.88
C LEU A 44 -12.20 7.90 -12.27
N ARG A 45 -12.53 7.99 -13.55
CA ARG A 45 -13.76 7.40 -14.07
C ARG A 45 -13.70 5.88 -13.91
N LEU A 46 -12.59 5.27 -14.30
CA LEU A 46 -12.38 3.84 -14.08
C LEU A 46 -12.51 3.49 -12.60
N ILE A 47 -11.82 4.25 -11.74
CA ILE A 47 -11.79 3.93 -10.31
C ILE A 47 -13.15 4.07 -9.71
N GLN A 48 -13.86 5.14 -10.09
CA GLN A 48 -15.24 5.27 -9.61
C GLN A 48 -16.06 4.02 -9.93
N ARG A 49 -15.97 3.56 -11.17
CA ARG A 49 -16.73 2.40 -11.61
C ARG A 49 -16.36 1.14 -10.85
N ILE A 50 -15.05 0.95 -10.64
CA ILE A 50 -14.52 -0.14 -9.79
C ILE A 50 -15.05 -0.02 -8.38
N THR A 51 -14.96 1.17 -7.79
CA THR A 51 -15.33 1.31 -6.39
C THR A 51 -16.84 1.30 -6.15
N ASP A 52 -17.63 1.48 -7.21
CA ASP A 52 -19.10 1.28 -7.13
C ASP A 52 -19.41 -0.09 -6.54
N ARG A 53 -18.50 -1.03 -6.77
CA ARG A 53 -18.64 -2.41 -6.27
C ARG A 53 -18.36 -2.61 -4.78
N LEU A 54 -17.73 -1.62 -4.14
CA LEU A 54 -17.52 -1.68 -2.68
C LEU A 54 -18.87 -1.75 -1.93
N PRO A 55 -18.93 -2.40 -0.77
CA PRO A 55 -20.19 -2.56 -0.04
C PRO A 55 -20.87 -1.23 0.28
N ALA A 56 -20.09 -0.14 0.29
CA ALA A 56 -20.63 1.18 0.61
C ALA A 56 -20.08 2.21 -0.34
N LYS A 57 -20.83 3.29 -0.50
CA LYS A 57 -20.39 4.46 -1.26
C LYS A 57 -19.22 5.13 -0.53
N ALA A 58 -18.29 5.65 -1.30
CA ALA A 58 -17.17 6.35 -0.72
C ALA A 58 -16.73 7.42 -1.66
N PRO A 59 -16.60 8.63 -1.15
CA PRO A 59 -16.12 9.70 -1.99
C PRO A 59 -14.75 9.35 -2.51
N LEU A 60 -14.53 9.67 -3.79
CA LEU A 60 -13.31 9.42 -4.44
C LEU A 60 -12.66 10.74 -4.79
N LEU A 61 -11.41 10.91 -4.34
CA LEU A 61 -10.65 12.11 -4.60
C LEU A 61 -9.43 11.79 -5.44
N GLU A 62 -9.09 12.69 -6.34
CA GLU A 62 -7.95 12.50 -7.18
C GLU A 62 -6.69 12.79 -6.38
N LEU A 63 -5.73 11.88 -6.47
CA LEU A 63 -4.44 12.11 -5.83
C LEU A 63 -3.36 11.46 -6.64
N ASP A 64 -2.61 12.32 -7.32
CA ASP A 64 -1.40 11.95 -7.95
C ASP A 64 -0.36 12.39 -6.94
N VAL A 65 0.27 11.41 -6.36
CA VAL A 65 1.22 11.62 -5.31
C VAL A 65 2.46 12.42 -5.76
N GLN A 66 2.69 12.49 -7.06
CA GLN A 66 3.77 13.31 -7.58
C GLN A 66 3.32 14.74 -7.85
N ASN A 67 2.05 15.00 -7.60
CA ASN A 67 1.48 16.31 -7.91
C ASN A 67 1.39 17.15 -6.64
N GLU A 68 2.27 18.15 -6.51
CA GLU A 68 2.35 18.97 -5.30
C GLU A 68 1.02 19.61 -4.96
N GLU A 69 0.29 20.05 -5.99
CA GLU A 69 -1.00 20.73 -5.76
C GLU A 69 -2.03 19.77 -5.24
N HIS A 70 -2.00 18.53 -5.76
CA HIS A 70 -2.95 17.52 -5.30
C HIS A 70 -2.76 17.31 -3.80
N LEU A 71 -1.50 17.24 -3.38
CA LEU A 71 -1.16 17.01 -1.98
C LEU A 71 -1.51 18.22 -1.12
N ALA A 72 -1.21 19.41 -1.65
CA ALA A 72 -1.47 20.68 -0.97
C ALA A 72 -2.97 20.88 -0.73
N SER A 73 -3.77 20.41 -1.67
CA SER A 73 -5.21 20.54 -1.53
C SER A 73 -5.81 19.33 -0.84
N LEU A 74 -5.03 18.28 -0.63
CA LEU A 74 -5.65 17.00 -0.22
C LEU A 74 -6.48 17.09 1.02
N ALA A 75 -5.91 17.60 2.11
CA ALA A 75 -6.61 17.63 3.41
C ALA A 75 -7.93 18.44 3.34
N GLY A 76 -7.93 19.57 2.63
CA GLY A 76 -9.17 20.37 2.45
C GLY A 76 -10.24 19.55 1.73
N ARG A 77 -9.85 18.90 0.63
CA ARG A 77 -10.75 18.00 -0.10
C ARG A 77 -11.26 16.87 0.75
N VAL A 78 -10.38 16.28 1.56
CA VAL A 78 -10.85 15.23 2.46
C VAL A 78 -11.84 15.80 3.51
N THR A 79 -11.50 16.96 4.05
CA THR A 79 -12.37 17.60 5.04
C THR A 79 -13.74 17.91 4.42
N GLU A 80 -13.72 18.43 3.20
CA GLU A 80 -14.93 18.62 2.41
C GLU A 80 -15.73 17.31 2.34
N ALA A 81 -15.05 16.21 2.02
CA ALA A 81 -15.73 14.93 1.85
C ALA A 81 -16.29 14.29 3.12
N ILE A 82 -15.59 14.47 4.25
CA ILE A 82 -16.03 13.84 5.51
C ILE A 82 -16.77 14.81 6.43
N GLY A 83 -16.73 16.08 6.07
CA GLY A 83 -17.42 17.12 6.82
C GLY A 83 -16.50 17.88 7.74
N ALA A 84 -16.59 19.21 7.67
CA ALA A 84 -15.91 20.11 8.59
C ALA A 84 -16.07 19.59 10.02
N GLY A 85 -14.99 19.69 10.81
CA GLY A 85 -15.02 19.22 12.18
C GLY A 85 -14.80 17.73 12.35
N ASN A 86 -14.75 17.01 11.24
CA ASN A 86 -14.44 15.59 11.29
C ASN A 86 -13.04 15.38 10.80
N LYS A 87 -12.34 14.44 11.42
CA LYS A 87 -10.97 14.15 11.02
C LYS A 87 -10.89 12.68 10.64
N LEU A 88 -9.79 12.32 9.98
CA LEU A 88 -9.47 10.92 9.68
C LEU A 88 -8.91 10.19 10.88
N ASP A 89 -9.29 8.92 10.98
CA ASP A 89 -8.71 8.00 11.93
C ASP A 89 -7.66 7.10 11.27
N GLY A 90 -7.72 6.98 9.96
CA GLY A 90 -6.82 6.04 9.27
C GLY A 90 -6.48 6.53 7.91
N VAL A 91 -5.29 6.14 7.48
CA VAL A 91 -4.80 6.46 6.15
C VAL A 91 -4.12 5.19 5.66
N VAL A 92 -4.50 4.79 4.47
CA VAL A 92 -3.91 3.63 3.85
C VAL A 92 -3.21 4.10 2.58
N HIS A 93 -1.91 3.86 2.58
CA HIS A 93 -1.08 4.13 1.44
C HIS A 93 -0.92 2.77 0.78
N SER A 94 -1.42 2.63 -0.43
CA SER A 94 -1.29 1.38 -1.14
C SER A 94 -0.91 1.75 -2.56
N ILE A 95 0.20 2.47 -2.63
CA ILE A 95 0.66 3.07 -3.85
C ILE A 95 2.07 2.58 -4.16
N GLY A 96 2.30 2.16 -5.38
CA GLY A 96 3.63 1.73 -5.75
C GLY A 96 3.75 1.78 -7.23
N PHE A 97 4.92 2.13 -7.69
CA PHE A 97 5.19 2.12 -9.09
C PHE A 97 6.67 2.09 -9.28
N MET A 98 7.13 1.34 -10.27
CA MET A 98 8.49 1.45 -10.71
C MET A 98 8.46 1.29 -12.22
N PRO A 99 9.04 2.24 -12.97
CA PRO A 99 9.15 2.09 -14.41
C PRO A 99 9.73 0.72 -14.76
N GLN A 100 9.35 0.22 -15.93
CA GLN A 100 9.80 -1.07 -16.41
C GLN A 100 11.30 -1.25 -16.42
N THR A 101 12.02 -0.16 -16.70
CA THR A 101 13.48 -0.26 -16.76
C THR A 101 14.05 -0.62 -15.38
N GLY A 102 13.29 -0.36 -14.33
CA GLY A 102 13.74 -0.65 -12.97
C GLY A 102 13.38 -2.05 -12.51
N MET A 103 12.85 -2.86 -13.41
CA MET A 103 12.39 -4.18 -13.03
C MET A 103 12.63 -5.25 -14.06
N GLY A 104 12.32 -6.48 -13.69
CA GLY A 104 12.28 -7.59 -14.65
C GLY A 104 13.65 -7.85 -15.23
N ILE A 105 13.70 -8.27 -16.49
CA ILE A 105 14.98 -8.62 -17.09
C ILE A 105 15.78 -7.40 -17.60
N ASN A 106 15.21 -6.18 -17.60
CA ASN A 106 16.08 -4.99 -17.81
C ASN A 106 17.17 -5.10 -16.76
N PRO A 107 18.45 -5.16 -17.17
CA PRO A 107 19.53 -5.27 -16.20
C PRO A 107 19.40 -4.19 -15.13
N PHE A 108 19.65 -4.60 -13.90
CA PHE A 108 19.60 -3.71 -12.76
C PHE A 108 20.38 -2.41 -13.00
N PHE A 109 21.59 -2.56 -13.54
CA PHE A 109 22.49 -1.41 -13.83
C PHE A 109 21.97 -0.51 -14.94
N ASP A 110 21.04 -1.01 -15.72
CA ASP A 110 20.53 -0.25 -16.85
C ASP A 110 19.36 0.65 -16.56
N ALA A 111 18.81 0.59 -15.34
CA ALA A 111 17.70 1.47 -14.97
C ALA A 111 18.26 2.90 -14.84
N PRO A 112 17.79 3.83 -15.66
CA PRO A 112 18.31 5.22 -15.60
C PRO A 112 17.85 5.82 -14.27
N TYR A 113 18.67 6.65 -13.64
CA TYR A 113 18.21 7.20 -12.35
C TYR A 113 16.86 7.95 -12.40
N ALA A 114 16.56 8.64 -13.50
CA ALA A 114 15.26 9.33 -13.60
C ALA A 114 14.11 8.34 -13.39
N ASP A 115 14.26 7.12 -13.91
CA ASP A 115 13.24 6.09 -13.74
C ASP A 115 13.17 5.61 -12.30
N VAL A 116 14.33 5.27 -11.75
CA VAL A 116 14.42 4.84 -10.36
C VAL A 116 13.82 5.90 -9.43
N SER A 117 14.22 7.15 -9.65
CA SER A 117 13.76 8.25 -8.85
C SER A 117 12.25 8.39 -8.87
N LYS A 118 11.66 8.22 -10.06
CA LYS A 118 10.21 8.33 -10.18
C LYS A 118 9.59 7.20 -9.38
N GLY A 119 10.17 6.00 -9.49
CA GLY A 119 9.72 4.86 -8.73
C GLY A 119 9.83 5.10 -7.25
N ILE A 120 10.95 5.66 -6.81
CA ILE A 120 11.10 5.89 -5.37
C ILE A 120 10.17 7.00 -4.91
N HIS A 121 9.96 7.99 -5.79
CA HIS A 121 9.02 9.07 -5.49
C HIS A 121 7.64 8.50 -5.18
N ILE A 122 7.11 7.73 -6.12
CA ILE A 122 5.75 7.21 -5.96
C ILE A 122 5.67 6.17 -4.85
N SER A 123 6.69 5.32 -4.76
CA SER A 123 6.64 4.14 -3.89
C SER A 123 7.13 4.36 -2.45
N ALA A 124 7.99 5.35 -2.21
CA ALA A 124 8.61 5.56 -0.91
C ALA A 124 8.33 6.96 -0.39
N TYR A 125 8.78 7.95 -1.14
CA TYR A 125 8.67 9.33 -0.67
C TYR A 125 7.22 9.71 -0.43
N SER A 126 6.33 9.25 -1.32
CA SER A 126 4.90 9.57 -1.21
C SER A 126 4.27 9.07 0.09
N TYR A 127 4.89 8.07 0.74
CA TYR A 127 4.41 7.69 2.06
C TYR A 127 4.56 8.87 3.04
N ALA A 128 5.69 9.56 2.96
CA ALA A 128 5.92 10.77 3.73
C ALA A 128 5.01 11.92 3.26
N SER A 129 4.86 12.09 1.94
CA SER A 129 3.98 13.14 1.37
C SER A 129 2.59 12.99 1.86
N MET A 130 2.12 11.75 1.88
CA MET A 130 0.74 11.52 2.29
C MET A 130 0.55 11.81 3.77
N ALA A 131 1.49 11.32 4.59
CA ALA A 131 1.45 11.63 6.00
C ALA A 131 1.54 13.14 6.25
N LYS A 132 2.40 13.83 5.52
CA LYS A 132 2.49 15.27 5.67
C LYS A 132 1.12 15.91 5.41
N ALA A 133 0.47 15.50 4.30
CA ALA A 133 -0.82 16.06 3.90
C ALA A 133 -1.90 15.74 4.89
N LEU A 134 -1.85 14.56 5.51
CA LEU A 134 -3.03 14.08 6.23
C LEU A 134 -2.95 14.12 7.72
N LEU A 135 -1.74 14.09 8.26
CA LEU A 135 -1.60 14.13 9.72
C LEU A 135 -2.34 15.36 10.34
N PRO A 136 -2.28 16.54 9.71
CA PRO A 136 -3.06 17.69 10.25
C PRO A 136 -4.55 17.40 10.34
N ILE A 137 -5.05 16.45 9.57
CA ILE A 137 -6.47 16.12 9.69
C ILE A 137 -6.70 14.72 10.20
N MET A 138 -5.76 14.22 11.02
CA MET A 138 -5.95 12.95 11.71
C MET A 138 -6.15 13.10 13.19
N ASN A 139 -7.07 12.30 13.71
CA ASN A 139 -7.34 12.16 15.13
C ASN A 139 -6.26 11.42 15.89
N PRO A 140 -6.05 11.80 17.16
CA PRO A 140 -5.24 10.99 18.07
C PRO A 140 -5.76 9.58 18.08
N GLY A 141 -4.84 8.62 18.18
CA GLY A 141 -5.23 7.21 18.08
C GLY A 141 -5.38 6.73 16.65
N GLY A 142 -5.07 7.61 15.70
CA GLY A 142 -5.11 7.31 14.27
C GLY A 142 -4.00 6.36 13.83
N SER A 143 -4.07 5.92 12.59
CA SER A 143 -3.17 4.88 12.10
C SER A 143 -2.91 5.14 10.64
N ILE A 144 -1.65 5.27 10.28
CA ILE A 144 -1.25 5.26 8.88
C ILE A 144 -0.62 3.91 8.55
N VAL A 145 -1.07 3.33 7.44
CA VAL A 145 -0.59 2.01 7.02
C VAL A 145 -0.16 2.10 5.56
N GLY A 146 1.03 1.61 5.25
CA GLY A 146 1.49 1.53 3.87
C GLY A 146 1.78 0.11 3.49
N MET A 147 1.82 -0.16 2.20
CA MET A 147 2.02 -1.53 1.73
C MET A 147 3.48 -1.71 1.36
N ASP A 148 4.03 -2.81 1.86
CA ASP A 148 5.46 -3.12 1.75
C ASP A 148 5.60 -4.51 1.11
N PHE A 149 6.73 -4.73 0.45
CA PHE A 149 7.12 -6.05 0.05
C PHE A 149 8.55 -6.24 0.59
N ASP A 150 8.69 -7.19 1.50
CA ASP A 150 9.92 -7.38 2.27
C ASP A 150 11.18 -7.27 1.39
N PRO A 151 11.93 -6.18 1.51
CA PRO A 151 13.11 -5.97 0.70
C PRO A 151 14.40 -6.27 1.43
N SER A 152 14.34 -7.00 2.54
CA SER A 152 15.52 -7.19 3.40
C SER A 152 16.57 -8.03 2.69
N ARG A 153 16.12 -8.82 1.72
CA ARG A 153 17.02 -9.59 0.88
C ARG A 153 16.71 -9.26 -0.56
N ALA A 154 17.74 -9.26 -1.37
CA ALA A 154 17.55 -9.03 -2.78
C ALA A 154 16.87 -10.25 -3.39
N MET A 155 16.25 -10.02 -4.53
CA MET A 155 15.51 -11.06 -5.24
C MET A 155 15.52 -10.74 -6.73
N PRO A 156 15.32 -11.73 -7.57
CA PRO A 156 15.25 -11.51 -8.99
C PRO A 156 14.07 -10.63 -9.36
N ALA A 157 14.22 -9.85 -10.43
CA ALA A 157 13.08 -9.22 -11.12
C ALA A 157 12.58 -7.98 -10.41
N TYR A 158 12.44 -8.03 -9.08
CA TYR A 158 11.88 -6.86 -8.38
C TYR A 158 12.84 -5.68 -8.33
N ASN A 159 14.12 -5.98 -8.48
CA ASN A 159 15.15 -4.96 -8.75
C ASN A 159 14.98 -3.67 -7.99
N TRP A 160 14.75 -2.57 -8.71
CA TRP A 160 14.66 -1.28 -8.05
C TRP A 160 13.40 -1.05 -7.26
N MET A 161 12.35 -1.84 -7.55
CA MET A 161 11.20 -1.80 -6.65
C MET A 161 11.55 -2.28 -5.25
N THR A 162 12.37 -3.32 -5.12
CA THR A 162 12.90 -3.73 -3.81
C THR A 162 13.66 -2.61 -3.17
N VAL A 163 14.50 -1.92 -3.94
CA VAL A 163 15.19 -0.77 -3.39
C VAL A 163 14.19 0.26 -2.88
N ALA A 164 13.17 0.57 -3.70
CA ALA A 164 12.12 1.51 -3.32
C ALA A 164 11.44 1.07 -2.01
N LYS A 165 11.21 -0.23 -1.85
CA LYS A 165 10.58 -0.72 -0.62
C LYS A 165 11.52 -0.58 0.55
N SER A 166 12.83 -0.75 0.31
CA SER A 166 13.80 -0.55 1.39
C SER A 166 13.72 0.89 1.84
N ALA A 167 13.64 1.80 0.86
CA ALA A 167 13.50 3.23 1.16
C ALA A 167 12.20 3.47 1.94
N LEU A 168 11.11 2.86 1.48
CA LEU A 168 9.80 3.00 2.11
C LEU A 168 9.83 2.57 3.57
N GLU A 169 10.48 1.45 3.85
CA GLU A 169 10.55 0.99 5.22
C GLU A 169 11.30 2.02 6.08
N SER A 170 12.35 2.60 5.53
CA SER A 170 13.11 3.63 6.25
C SER A 170 12.22 4.86 6.46
N VAL A 171 11.51 5.25 5.40
CA VAL A 171 10.62 6.41 5.47
C VAL A 171 9.57 6.19 6.55
N ASN A 172 8.99 4.99 6.60
CA ASN A 172 7.97 4.70 7.56
C ASN A 172 8.46 4.95 8.99
N ARG A 173 9.71 4.60 9.27
CA ARG A 173 10.23 4.83 10.61
C ARG A 173 10.31 6.30 10.98
N PHE A 174 10.59 7.12 9.99
CA PHE A 174 10.61 8.55 10.20
C PHE A 174 9.24 9.10 10.29
N VAL A 175 8.34 8.60 9.46
CA VAL A 175 6.93 9.01 9.51
C VAL A 175 6.36 8.71 10.89
N ALA A 176 6.74 7.57 11.48
CA ALA A 176 6.28 7.26 12.83
C ALA A 176 6.69 8.34 13.83
N ARG A 177 7.88 8.89 13.67
CA ARG A 177 8.37 9.90 14.60
C ARG A 177 7.46 11.12 14.50
N GLU A 178 7.17 11.54 13.26
CA GLU A 178 6.26 12.68 13.01
C GLU A 178 4.83 12.38 13.46
N ALA A 179 4.33 11.20 13.08
CA ALA A 179 2.95 10.82 13.34
C ALA A 179 2.71 10.69 14.86
N GLY A 180 3.72 10.23 15.60
CA GLY A 180 3.64 10.13 17.05
C GLY A 180 3.26 11.43 17.74
N LYS A 181 3.69 12.56 17.16
CA LYS A 181 3.33 13.91 17.65
C LYS A 181 1.81 14.10 17.67
N TYR A 182 1.13 13.44 16.73
CA TYR A 182 -0.33 13.50 16.59
C TYR A 182 -1.08 12.39 17.29
N GLY A 183 -0.35 11.57 18.04
CA GLY A 183 -0.93 10.41 18.65
C GLY A 183 -1.29 9.37 17.59
N VAL A 184 -0.59 9.42 16.45
CA VAL A 184 -0.87 8.56 15.26
C VAL A 184 0.26 7.55 15.06
N ARG A 185 -0.13 6.31 14.76
CA ARG A 185 0.83 5.24 14.43
C ARG A 185 1.07 5.20 12.92
N SER A 186 2.25 4.71 12.54
CA SER A 186 2.61 4.58 11.15
C SER A 186 3.26 3.25 11.01
N ASN A 187 2.73 2.41 10.13
CA ASN A 187 3.27 1.06 10.02
C ASN A 187 3.11 0.58 8.61
N LEU A 188 3.93 -0.41 8.25
CA LEU A 188 3.80 -1.07 6.97
C LEU A 188 3.26 -2.47 7.15
N VAL A 189 2.48 -2.91 6.16
CA VAL A 189 2.20 -4.32 6.02
C VAL A 189 3.04 -4.89 4.87
N ALA A 190 3.92 -5.81 5.23
CA ALA A 190 4.73 -6.51 4.23
C ALA A 190 3.91 -7.73 3.83
N ALA A 191 3.32 -7.65 2.64
CA ALA A 191 2.46 -8.72 2.17
C ALA A 191 3.30 -9.72 1.38
N GLY A 192 2.84 -10.97 1.33
CA GLY A 192 3.34 -11.92 0.38
C GLY A 192 2.90 -11.47 -0.99
N PRO A 193 3.40 -12.16 -2.01
CA PRO A 193 3.07 -11.80 -3.37
C PRO A 193 1.59 -12.05 -3.67
N ILE A 194 0.97 -11.07 -4.29
CA ILE A 194 -0.44 -11.13 -4.62
C ILE A 194 -0.56 -11.02 -6.13
N ARG A 195 -1.33 -11.91 -6.73
CA ARG A 195 -1.57 -11.88 -8.16
C ARG A 195 -2.48 -10.75 -8.59
N THR A 196 -1.96 -9.53 -8.53
CA THR A 196 -2.64 -8.40 -9.11
C THR A 196 -2.45 -8.54 -10.60
N LEU A 197 -3.12 -7.66 -11.35
CA LEU A 197 -2.97 -7.69 -12.80
C LEU A 197 -1.51 -7.60 -13.22
N ALA A 198 -0.79 -6.67 -12.61
CA ALA A 198 0.62 -6.46 -12.92
C ALA A 198 1.42 -7.71 -12.58
N MET A 199 1.16 -8.32 -11.43
CA MET A 199 1.87 -9.53 -11.10
C MET A 199 1.65 -10.65 -12.09
N SER A 200 0.39 -10.88 -12.43
CA SER A 200 0.03 -11.85 -13.45
C SER A 200 0.73 -11.55 -14.77
N ALA A 201 0.75 -10.29 -15.20
CA ALA A 201 1.48 -9.87 -16.40
C ALA A 201 2.97 -10.18 -16.34
N ILE A 202 3.60 -9.95 -15.19
CA ILE A 202 5.02 -10.28 -15.01
C ILE A 202 5.25 -11.80 -15.09
N VAL A 203 4.38 -12.55 -14.39
CA VAL A 203 4.45 -13.98 -14.44
C VAL A 203 4.28 -14.44 -15.90
N GLY A 204 3.37 -13.79 -16.62
CA GLY A 204 3.16 -14.08 -18.05
C GLY A 204 4.24 -13.58 -18.99
N GLY A 205 5.28 -12.98 -18.43
CA GLY A 205 6.47 -12.61 -19.19
C GLY A 205 6.55 -11.17 -19.65
N ALA A 206 5.63 -10.32 -19.19
CA ALA A 206 5.57 -8.91 -19.60
C ALA A 206 6.90 -8.16 -19.39
N LEU A 207 7.67 -8.56 -18.39
CA LEU A 207 8.98 -7.98 -18.15
C LEU A 207 10.13 -8.92 -18.49
N GLY A 208 9.90 -9.84 -19.43
CA GLY A 208 10.92 -10.79 -19.83
C GLY A 208 10.62 -12.17 -19.29
N GLU A 209 11.03 -13.19 -20.03
CA GLU A 209 10.65 -14.55 -19.70
C GLU A 209 11.33 -15.00 -18.41
N GLU A 210 12.61 -14.68 -18.28
CA GLU A 210 13.34 -15.10 -17.11
C GLU A 210 12.80 -14.43 -15.86
N ALA A 211 12.49 -13.14 -15.93
CA ALA A 211 11.81 -12.46 -14.83
C ALA A 211 10.52 -13.16 -14.46
N GLY A 212 9.75 -13.58 -15.47
CA GLY A 212 8.48 -14.24 -15.23
C GLY A 212 8.71 -15.56 -14.55
N ALA A 213 9.66 -16.32 -15.07
CA ALA A 213 10.03 -17.60 -14.47
C ALA A 213 10.51 -17.45 -12.99
N GLN A 214 11.29 -16.42 -12.71
CA GLN A 214 11.82 -16.21 -11.36
C GLN A 214 10.69 -15.85 -10.39
N ILE A 215 9.77 -15.01 -10.84
CA ILE A 215 8.64 -14.57 -9.98
C ILE A 215 7.75 -15.75 -9.71
N GLN A 216 7.59 -16.61 -10.70
CA GLN A 216 6.81 -17.80 -10.50
C GLN A 216 7.43 -18.70 -9.46
N LEU A 217 8.76 -18.85 -9.54
CA LEU A 217 9.50 -19.59 -8.54
C LEU A 217 9.40 -18.95 -7.16
N LEU A 218 9.48 -17.63 -7.13
CA LEU A 218 9.34 -16.85 -5.90
C LEU A 218 8.00 -17.18 -5.23
N GLU A 219 6.93 -17.10 -6.02
CA GLU A 219 5.56 -17.39 -5.53
C GLU A 219 5.43 -18.79 -5.01
N GLU A 220 6.01 -19.75 -5.73
CA GLU A 220 5.90 -21.13 -5.32
C GLU A 220 6.66 -21.36 -4.03
N GLY A 221 7.86 -20.81 -3.95
CA GLY A 221 8.69 -20.97 -2.75
C GLY A 221 8.03 -20.32 -1.55
N TRP A 222 7.30 -19.24 -1.78
CA TRP A 222 6.69 -18.50 -0.71
C TRP A 222 5.64 -19.36 0.00
N ASP A 223 4.73 -19.92 -0.78
CA ASP A 223 3.73 -20.82 -0.26
C ASP A 223 4.37 -22.02 0.41
N GLN A 224 5.46 -22.55 -0.17
CA GLN A 224 6.16 -23.70 0.43
C GLN A 224 6.72 -23.34 1.81
N ARG A 225 7.41 -22.21 1.90
CA ARG A 225 8.05 -21.73 3.15
C ARG A 225 7.02 -21.32 4.21
N ALA A 226 5.93 -20.67 3.77
CA ALA A 226 4.87 -20.20 4.66
C ALA A 226 4.32 -21.35 5.52
N PRO A 227 4.54 -21.35 6.84
CA PRO A 227 4.03 -22.45 7.67
C PRO A 227 2.49 -22.60 7.57
N ILE A 228 1.80 -21.53 7.27
CA ILE A 228 0.35 -21.64 7.08
C ILE A 228 -0.04 -21.49 5.61
N GLY A 229 0.97 -21.58 4.74
CA GLY A 229 0.68 -21.49 3.32
C GLY A 229 0.53 -20.04 2.90
N TRP A 230 0.51 -19.83 1.61
CA TRP A 230 0.30 -18.50 1.08
C TRP A 230 -0.48 -18.63 -0.20
N ASN A 231 -1.61 -17.93 -0.24
CA ASN A 231 -2.49 -17.92 -1.37
C ASN A 231 -2.41 -16.58 -2.04
N MET A 232 -1.61 -16.54 -3.10
CA MET A 232 -1.35 -15.33 -3.82
C MET A 232 -2.59 -14.78 -4.52
N LYS A 233 -3.64 -15.62 -4.63
CA LYS A 233 -4.87 -15.21 -5.33
C LYS A 233 -5.83 -14.59 -4.33
N ASP A 234 -5.45 -14.53 -3.06
CA ASP A 234 -6.35 -14.05 -2.03
C ASP A 234 -5.71 -12.87 -1.26
N ALA A 235 -6.15 -11.64 -1.55
CA ALA A 235 -5.67 -10.47 -0.85
C ALA A 235 -6.37 -10.25 0.50
N THR A 236 -7.42 -11.02 0.79
CA THR A 236 -8.15 -10.81 2.06
C THR A 236 -7.27 -10.85 3.33
N PRO A 237 -6.40 -11.86 3.48
CA PRO A 237 -5.55 -11.91 4.68
C PRO A 237 -4.69 -10.64 4.80
N VAL A 238 -4.26 -10.09 3.68
CA VAL A 238 -3.53 -8.84 3.76
C VAL A 238 -4.43 -7.65 4.10
N ALA A 239 -5.60 -7.58 3.46
CA ALA A 239 -6.58 -6.53 3.81
C ALA A 239 -6.91 -6.58 5.29
N LYS A 240 -7.17 -7.77 5.84
CA LYS A 240 -7.48 -7.92 7.26
C LYS A 240 -6.32 -7.37 8.11
N THR A 241 -5.09 -7.65 7.69
CA THR A 241 -3.93 -7.22 8.47
C THR A 241 -3.85 -5.71 8.48
N VAL A 242 -4.10 -5.08 7.33
CA VAL A 242 -4.14 -3.64 7.26
C VAL A 242 -5.22 -3.11 8.21
N CYS A 243 -6.42 -3.73 8.19
CA CYS A 243 -7.50 -3.37 9.11
C CYS A 243 -7.06 -3.57 10.55
N ALA A 244 -6.28 -4.62 10.82
CA ALA A 244 -5.80 -4.79 12.19
C ALA A 244 -5.00 -3.58 12.67
N LEU A 245 -4.14 -3.07 11.80
CA LEU A 245 -3.32 -1.91 12.11
C LEU A 245 -4.10 -0.63 12.16
N LEU A 246 -5.16 -0.55 11.35
CA LEU A 246 -6.08 0.61 11.40
C LEU A 246 -6.93 0.63 12.65
N SER A 247 -7.04 -0.53 13.29
CA SER A 247 -7.86 -0.68 14.47
C SER A 247 -7.14 -0.19 15.73
N ASP A 248 -7.83 -0.30 16.85
CA ASP A 248 -7.27 0.06 18.15
C ASP A 248 -6.53 -1.12 18.73
N TRP A 249 -6.36 -2.20 17.97
CA TRP A 249 -5.87 -3.48 18.55
C TRP A 249 -4.36 -3.69 18.44
N LEU A 250 -3.68 -2.80 17.74
CA LEU A 250 -2.21 -2.75 17.78
C LEU A 250 -1.75 -1.37 18.23
N PRO A 251 -2.11 -0.96 19.45
CA PRO A 251 -2.02 0.43 19.79
C PRO A 251 -0.60 0.86 20.19
N ALA A 252 0.32 -0.10 20.38
CA ALA A 252 1.69 0.14 20.84
C ALA A 252 2.71 -0.20 19.73
N THR A 253 2.22 -0.33 18.52
CA THR A 253 3.06 -0.71 17.36
C THR A 253 3.14 0.49 16.40
N THR A 254 4.36 0.96 16.18
CA THR A 254 4.55 2.05 15.26
C THR A 254 5.99 2.07 14.72
N GLY A 255 6.15 2.70 13.56
CA GLY A 255 7.40 2.68 12.81
C GLY A 255 7.76 1.28 12.40
N ASP A 256 6.74 0.40 12.40
CA ASP A 256 7.00 -1.03 12.33
C ASP A 256 6.46 -1.67 11.07
N ILE A 257 6.79 -2.94 10.90
CA ILE A 257 6.35 -3.71 9.75
C ILE A 257 5.63 -4.95 10.25
N ILE A 258 4.39 -5.13 9.79
CA ILE A 258 3.68 -6.34 10.11
C ILE A 258 3.71 -7.18 8.86
N TYR A 259 4.16 -8.42 9.01
CA TYR A 259 4.30 -9.36 7.90
C TYR A 259 3.05 -10.20 7.72
N ALA A 260 2.35 -9.94 6.62
CA ALA A 260 1.17 -10.69 6.25
C ALA A 260 1.58 -11.50 5.03
N ASP A 261 2.37 -12.52 5.28
CA ASP A 261 3.02 -13.25 4.21
C ASP A 261 3.00 -14.73 4.43
N GLY A 262 2.09 -15.20 5.30
CA GLY A 262 1.98 -16.64 5.61
C GLY A 262 3.08 -17.10 6.55
N GLY A 263 3.82 -16.15 7.10
CA GLY A 263 5.00 -16.47 7.86
C GLY A 263 6.21 -16.84 7.01
N ALA A 264 6.10 -16.72 5.67
CA ALA A 264 7.23 -17.11 4.78
C ALA A 264 8.59 -16.50 5.16
N HIS A 265 8.59 -15.27 5.64
CA HIS A 265 9.87 -14.60 5.92
C HIS A 265 10.56 -15.13 7.14
N THR A 266 9.87 -15.95 7.93
CA THR A 266 10.46 -16.49 9.16
C THR A 266 11.10 -17.86 8.93
N GLN A 267 11.08 -18.33 7.68
CA GLN A 267 11.47 -19.70 7.36
C GLN A 267 12.47 -19.62 6.23
N LEU A 268 13.50 -20.44 6.28
CA LEU A 268 14.53 -20.36 5.25
C LEU A 268 14.13 -21.27 4.13
N LEU A 269 13.75 -22.47 4.49
CA LEU A 269 13.31 -23.47 3.53
C LEU A 269 12.10 -24.14 4.23
#